data_4PER
#
_entry.id   4PER
#
_cell.length_a   52.662
_cell.length_b   84.538
_cell.length_c   121.661
_cell.angle_alpha   90.000
_cell.angle_beta   90.000
_cell.angle_gamma   90.000
#
_symmetry.space_group_name_H-M   'P 21 21 21'
#
loop_
_entity.id
_entity.type
_entity.pdbx_description
1 polymer 'Ribonuclease Inhibitor'
2 polymer Angiogenin
3 water water
#
loop_
_entity_poly.entity_id
_entity_poly.type
_entity_poly.pdbx_seq_one_letter_code
_entity_poly.pdbx_strand_id
1 'polypeptide(L)'
;YFQGMDLDIQCEEINPSRWAELLSTMKSCSTIRLDDCNLSSSNCKDLSSIIHTNPSLKELKLNNNELGDAGIEYLCKGLL
TPSCSLQKLWLQNCNLTSASCETLRSVLSAQPSLTELHVGDNKLGTAGVKVLCQGLMNPNCKLQKLQLEYCELTADIVEA
LNAALQAKPTLKELSLSNNTLGDTAVKQLCRGLVEASCDLELLHLENCGITSDSCRDISAVLSSKPSLLDLAVGDNKIGD
TGLALLCQGLLHPNCKIQKLWLWDCDLTSASCKDLSRVFSTKETLLEVSLIDNNLRDSGMEMLCQALKDPKAHLQELWVR
ECGLTAACCKAVSSVLSVNKHLQVLHIGENKLGNAGVEILCEGLLHPNCNIHSLWLGNCDITAACCATLANVMVTKQNLT
ELDLSYNTLEDEGVMKLCEAVRNPNCKMQQLILYDIFWGPEVDDELKALEEARPDVKIIS
;
A
2 'polypeptide(L)'
;PTYQDFLRTHVDFPKTSFPNIAAYCNVMMVRRGINVHGRCKSLNTFVHTDPRNLNTLCINQPNRALRTTQQQLPVTDCKL
IRSHPTCSYTGNQFNHRVRVGCWGGLPVHLDGT
;
B
#
# COMPACT_ATOMS: atom_id res chain seq x y z
N TYR A 1 27.32 2.38 -1.21
CA TYR A 1 27.53 2.75 0.17
C TYR A 1 27.24 1.55 0.97
N PHE A 2 27.88 1.53 2.09
CA PHE A 2 27.70 0.48 3.07
C PHE A 2 27.55 1.06 4.46
N GLN A 3 26.51 0.61 5.15
CA GLN A 3 26.30 0.98 6.54
C GLN A 3 25.97 -0.26 7.37
N GLY A 4 27.01 -1.02 7.72
CA GLY A 4 26.85 -2.21 8.54
C GLY A 4 26.13 -3.32 7.81
N MET A 5 26.32 -4.54 8.24
CA MET A 5 25.70 -5.64 7.59
C MET A 5 24.19 -5.64 7.76
N ASP A 6 23.51 -6.05 6.72
CA ASP A 6 22.06 -6.11 6.69
C ASP A 6 21.62 -7.57 6.54
N LEU A 7 21.19 -8.17 7.63
CA LEU A 7 20.61 -9.52 7.58
C LEU A 7 19.12 -9.41 7.30
N ASP A 8 18.70 -9.98 6.17
CA ASP A 8 17.32 -9.84 5.72
C ASP A 8 16.80 -11.18 5.21
N ILE A 9 15.86 -11.77 5.95
CA ILE A 9 15.23 -13.04 5.57
C ILE A 9 13.72 -12.92 5.60
N GLN A 10 13.04 -13.47 4.60
CA GLN A 10 11.58 -13.50 4.63
C GLN A 10 10.99 -14.82 4.10
N CYS A 11 9.93 -15.25 4.77
CA CYS A 11 9.08 -16.38 4.35
C CYS A 11 9.81 -17.72 4.26
N GLU A 12 10.84 -17.88 5.08
CA GLU A 12 11.61 -19.12 5.05
C GLU A 12 11.45 -19.94 6.31
N GLU A 13 11.78 -21.23 6.18
CA GLU A 13 11.98 -22.14 7.29
C GLU A 13 13.39 -21.94 7.87
N ILE A 14 13.48 -21.60 9.16
CA ILE A 14 14.80 -21.41 9.75
C ILE A 14 15.21 -22.63 10.54
N ASN A 15 16.41 -23.09 10.22
CA ASN A 15 16.87 -24.42 10.64
C ASN A 15 17.97 -24.20 11.69
N PRO A 16 18.12 -25.07 12.69
CA PRO A 16 18.79 -24.62 13.90
C PRO A 16 20.27 -24.27 13.77
N SER A 17 20.98 -25.01 12.93
CA SER A 17 22.40 -24.79 12.69
C SER A 17 22.57 -23.57 11.79
N ARG A 18 21.64 -23.39 10.86
CA ARG A 18 21.60 -22.16 10.09
C ARG A 18 21.33 -21.00 11.04
N TRP A 19 20.44 -21.23 12.01
CA TRP A 19 20.17 -20.25 13.06
C TRP A 19 21.43 -19.96 13.84
N ALA A 20 22.15 -21.03 14.18
CA ALA A 20 23.44 -20.93 14.85
C ALA A 20 24.41 -20.10 14.01
N GLU A 21 24.48 -20.41 12.73
CA GLU A 21 25.37 -19.72 11.80
C GLU A 21 25.00 -18.25 11.75
N LEU A 22 23.70 -17.99 11.70
CA LEU A 22 23.20 -16.65 11.52
C LEU A 22 23.42 -15.79 12.76
N LEU A 23 23.52 -16.44 13.91
CA LEU A 23 23.78 -15.75 15.18
C LEU A 23 25.07 -14.93 15.15
N SER A 24 26.16 -15.56 14.71
CA SER A 24 27.46 -14.91 14.62
C SER A 24 27.40 -13.66 13.76
N THR A 25 26.60 -13.74 12.69
CA THR A 25 26.37 -12.59 11.82
C THR A 25 25.65 -11.49 12.57
N MET A 26 24.58 -11.86 13.25
CA MET A 26 23.69 -10.90 13.92
C MET A 26 24.43 -10.04 14.94
N LYS A 27 25.55 -10.58 15.45
CA LYS A 27 26.43 -9.83 16.36
C LYS A 27 27.11 -8.70 15.60
N SER A 28 27.11 -8.78 14.28
CA SER A 28 27.80 -7.81 13.45
C SER A 28 26.82 -6.79 12.85
N CYS A 29 25.55 -7.17 12.79
CA CYS A 29 24.55 -6.49 11.94
C CYS A 29 24.08 -5.12 12.40
N SER A 30 23.95 -4.25 11.40
CA SER A 30 23.35 -2.94 11.58
C SER A 30 21.82 -3.06 11.58
N THR A 31 21.31 -3.95 10.73
CA THR A 31 19.87 -4.24 10.74
C THR A 31 19.63 -5.74 10.63
N ILE A 32 18.59 -6.19 11.32
CA ILE A 32 18.16 -7.57 11.30
C ILE A 32 16.68 -7.64 10.94
N ARG A 33 16.36 -8.36 9.88
CA ARG A 33 14.98 -8.54 9.46
C ARG A 33 14.67 -10.01 9.24
N LEU A 34 13.73 -10.52 10.02
CA LEU A 34 13.31 -11.91 9.94
C LEU A 34 11.80 -11.93 9.80
N ASP A 35 11.32 -11.66 8.60
CA ASP A 35 9.90 -11.45 8.37
C ASP A 35 9.20 -12.74 7.95
N ASP A 36 8.19 -13.15 8.73
CA ASP A 36 7.37 -14.32 8.41
C ASP A 36 8.25 -15.57 8.29
N CYS A 37 9.15 -15.75 9.24
CA CYS A 37 10.07 -16.88 9.22
C CYS A 37 9.65 -17.93 10.24
N ASN A 38 8.36 -17.93 10.53
CA ASN A 38 7.73 -18.82 11.49
CA ASN A 38 7.75 -18.84 11.47
C ASN A 38 8.53 -18.91 12.78
N LEU A 39 9.09 -17.77 13.18
CA LEU A 39 9.81 -17.72 14.44
C LEU A 39 8.76 -18.01 15.51
N SER A 40 9.20 -18.68 16.57
CA SER A 40 8.34 -18.91 17.71
C SER A 40 8.99 -18.18 18.88
N SER A 41 8.35 -18.26 20.04
CA SER A 41 8.84 -17.57 21.23
C SER A 41 10.26 -17.99 21.67
N SER A 42 10.69 -19.21 21.32
CA SER A 42 11.97 -19.71 21.81
C SER A 42 13.18 -19.01 21.18
N ASN A 43 13.01 -18.48 19.98
CA ASN A 43 14.10 -17.80 19.25
C ASN A 43 14.46 -16.43 19.83
N CYS A 44 13.60 -15.89 20.68
CA CYS A 44 13.73 -14.50 21.13
C CYS A 44 14.78 -14.34 22.24
N LYS A 45 15.08 -15.43 22.94
CA LYS A 45 16.12 -15.39 23.97
C LYS A 45 17.48 -15.12 23.33
N ASP A 46 17.69 -15.70 22.15
CA ASP A 46 18.91 -15.45 21.38
C ASP A 46 19.03 -14.00 20.94
N LEU A 47 17.94 -13.46 20.39
CA LEU A 47 17.95 -12.13 19.85
C LEU A 47 18.18 -11.10 20.96
N SER A 48 17.69 -11.41 22.16
CA SER A 48 17.85 -10.50 23.29
C SER A 48 19.33 -10.29 23.64
N SER A 49 20.12 -11.35 23.53
CA SER A 49 21.57 -11.26 23.78
C SER A 49 22.21 -10.31 22.78
N ILE A 50 21.83 -10.49 21.51
CA ILE A 50 22.39 -9.71 20.42
C ILE A 50 22.15 -8.22 20.61
N ILE A 51 20.94 -7.88 21.04
CA ILE A 51 20.57 -6.48 21.19
C ILE A 51 21.52 -5.77 22.15
N HIS A 52 21.91 -6.46 23.22
CA HIS A 52 22.74 -5.85 24.24
C HIS A 52 24.21 -5.65 23.85
N THR A 53 24.79 -6.64 23.18
CA THR A 53 26.23 -6.63 22.93
C THR A 53 26.61 -5.94 21.61
N ASN A 54 25.71 -5.99 20.64
CA ASN A 54 25.94 -5.37 19.33
C ASN A 54 25.80 -3.84 19.37
N PRO A 55 26.94 -3.13 19.33
CA PRO A 55 26.90 -1.66 19.41
C PRO A 55 26.36 -1.02 18.13
N SER A 56 26.21 -1.82 17.08
CA SER A 56 25.82 -1.30 15.78
C SER A 56 24.40 -1.69 15.37
N LEU A 57 23.73 -2.55 16.14
CA LEU A 57 22.36 -2.95 15.80
C LEU A 57 21.37 -1.79 15.91
N LYS A 58 20.78 -1.41 14.80
CA LYS A 58 19.93 -0.23 14.79
C LYS A 58 18.49 -0.54 14.38
N GLU A 59 18.28 -1.66 13.69
CA GLU A 59 16.93 -2.02 13.25
C GLU A 59 16.65 -3.48 13.55
N LEU A 60 15.49 -3.76 14.14
CA LEU A 60 15.08 -5.13 14.36
C LEU A 60 13.63 -5.34 13.89
N LYS A 61 13.47 -6.11 12.82
CA LYS A 61 12.17 -6.30 12.19
C LYS A 61 11.73 -7.75 12.20
N LEU A 62 10.71 -8.05 13.01
CA LEU A 62 10.27 -9.43 13.24
C LEU A 62 8.78 -9.60 13.01
N ASN A 63 8.22 -8.82 12.07
CA ASN A 63 6.81 -8.94 11.71
C ASN A 63 6.40 -10.35 11.31
N ASN A 64 5.13 -10.67 11.58
CA ASN A 64 4.45 -11.83 11.00
C ASN A 64 5.04 -13.15 11.51
N ASN A 65 5.60 -13.08 12.72
CA ASN A 65 6.09 -14.25 13.45
C ASN A 65 5.32 -14.39 14.74
N GLU A 66 4.98 -15.62 15.11
CA GLU A 66 4.18 -15.84 16.31
C GLU A 66 5.06 -15.86 17.53
N LEU A 67 5.59 -14.70 17.88
CA LEU A 67 6.43 -14.60 19.06
C LEU A 67 5.54 -14.73 20.29
N GLY A 68 4.35 -14.15 20.19
CA GLY A 68 3.39 -14.15 21.28
C GLY A 68 3.90 -13.32 22.43
N ASP A 69 3.11 -13.22 23.48
CA ASP A 69 3.52 -12.45 24.65
C ASP A 69 4.82 -13.00 25.23
N ALA A 70 4.91 -14.32 25.40
CA ALA A 70 6.11 -14.95 25.95
C ALA A 70 7.37 -14.59 25.17
N GLY A 71 7.26 -14.60 23.84
CA GLY A 71 8.36 -14.17 22.99
C GLY A 71 8.88 -12.77 23.27
N ILE A 72 7.98 -11.81 23.50
CA ILE A 72 8.40 -10.42 23.66
C ILE A 72 9.07 -10.22 25.02
N GLU A 73 8.57 -10.90 26.05
CA GLU A 73 9.22 -10.85 27.36
C GLU A 73 10.64 -11.41 27.27
N TYR A 74 10.83 -12.54 26.57
CA TYR A 74 12.19 -13.05 26.33
C TYR A 74 13.02 -12.04 25.55
N LEU A 75 12.53 -11.66 24.37
CA LEU A 75 13.24 -10.73 23.47
C LEU A 75 13.73 -9.45 24.15
N CYS A 76 12.94 -8.94 25.08
CA CYS A 76 13.24 -7.64 25.66
C CYS A 76 14.09 -7.79 26.92
N LYS A 77 14.40 -9.03 27.27
CA LYS A 77 15.32 -9.29 28.38
C LYS A 77 16.63 -8.57 28.10
N GLY A 78 17.06 -8.59 26.83
CA GLY A 78 18.27 -7.90 26.42
C GLY A 78 18.09 -6.41 26.20
N LEU A 79 16.87 -5.99 25.93
CA LEU A 79 16.64 -4.59 25.63
C LEU A 79 16.52 -3.82 26.96
N LEU A 80 16.21 -4.53 28.03
CA LEU A 80 16.29 -3.90 29.37
C LEU A 80 17.75 -3.83 29.81
N THR A 81 18.67 -4.25 28.94
CA THR A 81 20.09 -4.30 29.28
C THR A 81 20.91 -3.60 28.18
N PRO A 82 21.21 -2.30 28.36
CA PRO A 82 22.05 -1.53 27.43
C PRO A 82 23.53 -1.93 27.42
N SER A 85 21.84 -0.64 20.94
CA SER A 85 21.26 0.69 20.83
C SER A 85 20.24 0.73 19.68
N LEU A 86 19.20 -0.08 19.85
CA LEU A 86 18.18 -0.27 18.84
C LEU A 86 17.43 1.03 18.58
N GLN A 87 17.22 1.33 17.30
CA GLN A 87 16.49 2.51 16.88
C GLN A 87 15.09 2.13 16.39
N LYS A 88 15.01 1.04 15.63
CA LYS A 88 13.73 0.59 15.05
C LYS A 88 13.34 -0.80 15.49
N LEU A 89 12.13 -0.93 16.00
CA LEU A 89 11.60 -2.21 16.42
C LEU A 89 10.26 -2.46 15.77
N TRP A 90 10.19 -3.48 14.93
CA TRP A 90 8.94 -3.86 14.28
C TRP A 90 8.45 -5.22 14.80
N LEU A 91 7.24 -5.22 15.37
CA LEU A 91 6.63 -6.42 15.93
C LEU A 91 5.18 -6.50 15.48
N GLN A 92 4.97 -6.19 14.21
CA GLN A 92 3.64 -6.17 13.61
C GLN A 92 3.13 -7.59 13.33
N ASN A 93 1.90 -7.87 13.74
CA ASN A 93 1.32 -9.22 13.57
C ASN A 93 2.21 -10.27 14.24
N CYS A 94 2.39 -10.16 15.55
CA CYS A 94 3.24 -11.11 16.28
C CYS A 94 2.48 -11.78 17.41
N ASN A 95 1.15 -11.74 17.29
CA ASN A 95 0.27 -12.37 18.26
CA ASN A 95 0.23 -12.33 18.26
C ASN A 95 0.46 -11.81 19.67
N LEU A 96 0.67 -10.50 19.77
CA LEU A 96 0.80 -9.85 21.07
C LEU A 96 -0.57 -9.49 21.58
N THR A 97 -0.73 -9.51 22.89
CA THR A 97 -1.96 -9.09 23.54
C THR A 97 -1.61 -7.98 24.48
N SER A 98 -2.58 -7.54 25.28
CA SER A 98 -2.33 -6.45 26.22
C SER A 98 -1.19 -6.77 27.19
N ALA A 99 -0.92 -8.06 27.39
CA ALA A 99 0.10 -8.46 28.36
C ALA A 99 1.51 -8.08 27.91
N SER A 100 1.75 -8.04 26.61
CA SER A 100 3.03 -7.57 26.08
C SER A 100 3.30 -6.09 26.40
N CYS A 101 2.25 -5.33 26.63
CA CYS A 101 2.36 -3.87 26.69
C CYS A 101 3.07 -3.40 27.95
N GLU A 102 3.01 -4.19 29.00
CA GLU A 102 3.80 -3.91 30.18
C GLU A 102 5.28 -4.07 29.86
N THR A 103 5.62 -5.10 29.10
CA THR A 103 7.00 -5.30 28.69
C THR A 103 7.43 -4.13 27.81
N LEU A 104 6.61 -3.81 26.81
CA LEU A 104 6.90 -2.68 25.95
C LEU A 104 6.88 -1.35 26.72
N ARG A 105 6.04 -1.21 27.74
CA ARG A 105 6.11 -0.01 28.59
C ARG A 105 7.53 0.16 29.15
N SER A 106 8.01 -0.88 29.81
CA SER A 106 9.36 -0.93 30.37
C SER A 106 10.45 -0.54 29.36
N VAL A 107 10.37 -1.17 28.19
CA VAL A 107 11.25 -0.89 27.05
C VAL A 107 11.30 0.57 26.64
N LEU A 108 10.13 1.15 26.37
CA LEU A 108 10.04 2.54 25.98
C LEU A 108 10.63 3.46 27.05
N SER A 109 10.46 3.06 28.31
CA SER A 109 11.01 3.78 29.46
C SER A 109 12.51 3.54 29.59
N ALA A 110 13.02 2.54 28.88
CA ALA A 110 14.42 2.17 29.00
C ALA A 110 15.32 2.78 27.92
N GLN A 111 14.91 2.74 26.66
CA GLN A 111 15.83 3.13 25.60
C GLN A 111 15.57 4.50 24.98
N PRO A 112 16.42 5.48 25.31
CA PRO A 112 16.25 6.77 24.61
C PRO A 112 16.62 6.63 23.13
N SER A 113 17.34 5.56 22.79
CA SER A 113 17.77 5.33 21.42
C SER A 113 16.63 4.94 20.49
N LEU A 114 15.59 4.32 21.05
CA LEU A 114 14.48 3.82 20.24
C LEU A 114 13.66 4.96 19.65
N THR A 115 13.59 5.00 18.33
CA THR A 115 12.86 6.06 17.63
C THR A 115 11.61 5.58 16.90
N GLU A 116 11.50 4.28 16.66
CA GLU A 116 10.37 3.72 15.91
CA GLU A 116 10.39 3.72 15.89
C GLU A 116 9.86 2.44 16.54
N LEU A 117 8.55 2.39 16.76
CA LEU A 117 7.90 1.18 17.25
C LEU A 117 6.68 0.84 16.38
N HIS A 118 6.69 -0.36 15.81
CA HIS A 118 5.57 -0.83 14.99
C HIS A 118 4.96 -2.02 15.67
N VAL A 119 3.73 -1.88 16.17
CA VAL A 119 3.08 -3.00 16.83
C VAL A 119 1.65 -3.17 16.33
N GLY A 120 1.42 -2.81 15.08
CA GLY A 120 0.13 -3.01 14.45
C GLY A 120 -0.24 -4.48 14.31
N ASP A 121 -1.51 -4.74 14.05
CA ASP A 121 -2.02 -6.09 13.78
C ASP A 121 -1.85 -7.01 14.99
N ASN A 122 -1.93 -6.43 16.18
CA ASN A 122 -1.88 -7.18 17.43
C ASN A 122 -3.08 -6.77 18.29
N LYS A 123 -3.76 -7.72 18.90
CA LYS A 123 -4.87 -7.36 19.78
C LYS A 123 -4.38 -6.84 21.13
N LEU A 124 -3.80 -5.65 21.10
CA LEU A 124 -3.37 -4.96 22.32
C LEU A 124 -4.56 -4.41 23.07
N GLY A 125 -5.49 -3.82 22.32
CA GLY A 125 -6.69 -3.28 22.93
C GLY A 125 -6.41 -1.97 23.64
N THR A 126 -7.48 -1.32 24.08
CA THR A 126 -7.37 -0.04 24.76
C THR A 126 -6.56 -0.10 26.07
N ALA A 127 -6.83 -1.11 26.88
CA ALA A 127 -6.14 -1.25 28.16
C ALA A 127 -4.64 -1.40 27.95
N GLY A 128 -4.26 -2.23 26.97
CA GLY A 128 -2.87 -2.46 26.66
C GLY A 128 -2.18 -1.20 26.17
N VAL A 129 -2.80 -0.47 25.26
CA VAL A 129 -2.12 0.70 24.73
C VAL A 129 -2.09 1.81 25.76
N LYS A 130 -3.04 1.79 26.70
CA LYS A 130 -2.97 2.70 27.84
C LYS A 130 -1.68 2.45 28.64
N VAL A 131 -1.32 1.19 28.81
CA VAL A 131 -0.09 0.88 29.56
C VAL A 131 1.12 1.33 28.74
N LEU A 132 1.07 1.08 27.43
CA LEU A 132 2.09 1.54 26.51
C LEU A 132 2.33 3.07 26.60
N CYS A 133 1.25 3.84 26.66
CA CYS A 133 1.33 5.29 26.78
C CYS A 133 2.10 5.74 28.01
N GLN A 134 2.00 4.97 29.08
CA GLN A 134 2.74 5.29 30.30
C GLN A 134 4.24 5.31 30.02
N GLY A 135 4.69 4.43 29.14
CA GLY A 135 6.09 4.40 28.75
C GLY A 135 6.43 5.57 27.85
N LEU A 136 5.53 5.87 26.92
CA LEU A 136 5.68 7.01 26.02
C LEU A 136 5.81 8.34 26.79
N MET A 137 5.20 8.39 27.97
CA MET A 137 5.22 9.61 28.76
C MET A 137 6.54 9.86 29.48
N ASN A 138 7.37 8.82 29.58
CA ASN A 138 8.66 8.95 30.22
C ASN A 138 9.54 9.95 29.47
N PRO A 139 10.27 10.80 30.23
CA PRO A 139 11.17 11.79 29.62
C PRO A 139 12.27 11.11 28.82
N ASN A 140 12.69 9.93 29.26
CA ASN A 140 13.72 9.15 28.56
C ASN A 140 13.30 8.75 27.15
N CYS A 141 12.00 8.55 26.96
CA CYS A 141 11.51 8.06 25.68
C CYS A 141 11.59 9.14 24.59
N LYS A 142 12.33 8.85 23.53
CA LYS A 142 12.47 9.80 22.42
C LYS A 142 11.83 9.29 21.12
N LEU A 143 10.75 8.53 21.25
CA LEU A 143 10.14 7.88 20.09
C LEU A 143 9.74 8.90 19.01
N GLN A 144 10.01 8.58 17.74
CA GLN A 144 9.63 9.44 16.63
C GLN A 144 8.45 8.88 15.81
N LYS A 145 8.36 7.56 15.72
CA LYS A 145 7.33 6.93 14.88
C LYS A 145 6.61 5.84 15.63
N LEU A 146 5.29 5.88 15.60
CA LEU A 146 4.46 4.95 16.33
C LEU A 146 3.33 4.41 15.44
N GLN A 147 3.30 3.10 15.26
CA GLN A 147 2.26 2.46 14.45
CA GLN A 147 2.25 2.48 14.46
C GLN A 147 1.41 1.58 15.34
N LEU A 148 0.13 1.92 15.44
CA LEU A 148 -0.81 1.19 16.28
C LEU A 148 -2.02 0.77 15.44
N GLU A 149 -1.82 0.47 14.16
CA GLU A 149 -2.96 0.15 13.31
C GLU A 149 -3.50 -1.25 13.59
N TYR A 150 -4.82 -1.43 13.48
CA TYR A 150 -5.42 -2.73 13.75
C TYR A 150 -5.04 -3.31 15.11
N CYS A 151 -5.20 -2.51 16.15
CA CYS A 151 -4.81 -2.92 17.49
C CYS A 151 -6.01 -3.04 18.41
N GLU A 152 -7.21 -3.08 17.81
CA GLU A 152 -8.49 -3.18 18.52
C GLU A 152 -8.66 -2.06 19.54
N LEU A 153 -8.26 -0.85 19.17
CA LEU A 153 -8.41 0.30 20.04
C LEU A 153 -9.82 0.79 19.94
N THR A 154 -10.33 1.37 21.03
CA THR A 154 -11.65 1.97 21.06
C THR A 154 -11.54 3.45 21.38
N ALA A 155 -12.68 4.12 21.42
CA ALA A 155 -12.72 5.56 21.69
C ALA A 155 -11.98 5.94 22.96
N ASP A 156 -11.95 5.01 23.90
CA ASP A 156 -11.49 5.29 25.26
C ASP A 156 -9.96 5.42 25.37
N ILE A 157 -9.28 5.14 24.28
CA ILE A 157 -7.82 5.24 24.24
C ILE A 157 -7.37 6.70 24.23
N VAL A 158 -8.25 7.62 23.83
CA VAL A 158 -7.73 8.91 23.37
C VAL A 158 -7.18 9.80 24.48
N GLU A 159 -7.75 9.79 25.68
CA GLU A 159 -7.18 10.64 26.73
C GLU A 159 -5.74 10.20 27.08
N ALA A 160 -5.51 8.89 27.13
CA ALA A 160 -4.18 8.37 27.39
C ALA A 160 -3.20 8.77 26.27
N LEU A 161 -3.62 8.62 25.02
CA LEU A 161 -2.78 9.03 23.90
C LEU A 161 -2.48 10.51 23.89
N ASN A 162 -3.50 11.33 24.14
CA ASN A 162 -3.28 12.78 24.26
C ASN A 162 -2.25 13.11 25.31
N ALA A 163 -2.36 12.47 26.48
CA ALA A 163 -1.38 12.71 27.54
C ALA A 163 0.01 12.30 27.10
N ALA A 164 0.09 11.21 26.35
CA ALA A 164 1.38 10.73 25.85
C ALA A 164 1.92 11.68 24.79
N LEU A 165 1.05 12.15 23.89
CA LEU A 165 1.49 13.09 22.85
C LEU A 165 2.08 14.37 23.45
N GLN A 166 1.46 14.88 24.52
CA GLN A 166 1.95 16.08 25.17
C GLN A 166 3.38 15.86 25.63
N ALA A 167 3.67 14.61 25.99
CA ALA A 167 4.98 14.24 26.48
C ALA A 167 5.89 13.70 25.39
N LYS A 168 5.48 13.84 24.12
CA LYS A 168 6.30 13.43 22.99
C LYS A 168 6.64 14.47 21.92
N PRO A 169 7.40 15.50 22.28
CA PRO A 169 7.83 16.47 21.25
C PRO A 169 8.66 15.87 20.10
N THR A 170 9.22 14.67 20.30
CA THR A 170 9.98 14.01 19.24
C THR A 170 9.13 13.24 18.20
N LEU A 171 7.84 13.18 18.41
CA LEU A 171 6.99 12.38 17.52
C LEU A 171 6.87 13.04 16.15
N LYS A 172 7.09 12.24 15.11
CA LYS A 172 6.95 12.74 13.75
C LYS A 172 5.88 11.96 12.99
N GLU A 173 5.64 10.69 13.34
CA GLU A 173 4.68 9.88 12.59
C GLU A 173 3.74 9.11 13.50
N LEU A 174 2.44 9.15 13.21
CA LEU A 174 1.47 8.41 14.03
C LEU A 174 0.41 7.75 13.17
N SER A 175 0.25 6.43 13.33
CA SER A 175 -0.83 5.74 12.63
C SER A 175 -1.74 5.01 13.58
N LEU A 176 -3.02 5.37 13.51
CA LEU A 176 -4.04 4.71 14.28
C LEU A 176 -5.05 4.05 13.35
N SER A 177 -4.71 3.85 12.07
CA SER A 177 -5.68 3.34 11.10
C SER A 177 -6.29 2.01 11.54
N ASN A 178 -7.52 1.76 11.09
CA ASN A 178 -8.20 0.48 11.35
C ASN A 178 -8.39 0.22 12.84
N ASN A 179 -8.82 1.26 13.55
CA ASN A 179 -9.27 1.15 14.94
C ASN A 179 -10.60 1.87 15.02
N THR A 180 -11.60 1.29 15.65
CA THR A 180 -12.92 1.92 15.67
C THR A 180 -12.94 3.05 16.71
N LEU A 181 -12.45 4.21 16.34
CA LEU A 181 -12.39 5.33 17.28
C LEU A 181 -13.69 6.15 17.29
N GLY A 182 -14.19 6.48 16.10
CA GLY A 182 -15.37 7.32 15.96
C GLY A 182 -15.10 8.81 16.06
N ASP A 183 -16.10 9.61 15.72
CA ASP A 183 -15.92 11.07 15.64
C ASP A 183 -15.56 11.74 16.94
N THR A 184 -16.23 11.37 18.02
CA THR A 184 -16.02 12.02 19.30
C THR A 184 -14.55 11.86 19.71
N ALA A 185 -14.03 10.65 19.57
CA ALA A 185 -12.67 10.35 19.92
C ALA A 185 -11.68 11.07 19.00
N VAL A 186 -11.97 11.08 17.70
CA VAL A 186 -11.04 11.68 16.77
C VAL A 186 -11.02 13.18 16.99
N LYS A 187 -12.16 13.79 17.31
CA LYS A 187 -12.13 15.21 17.67
C LYS A 187 -11.20 15.47 18.88
N GLN A 188 -11.29 14.60 19.89
CA GLN A 188 -10.47 14.75 21.10
C GLN A 188 -8.98 14.58 20.78
N LEU A 189 -8.68 13.58 19.96
CA LEU A 189 -7.32 13.33 19.46
C LEU A 189 -6.78 14.56 18.71
N CYS A 190 -7.60 15.17 17.84
CA CYS A 190 -7.15 16.36 17.12
C CYS A 190 -6.77 17.49 18.08
N ARG A 191 -7.58 17.72 19.11
CA ARG A 191 -7.25 18.72 20.10
C ARG A 191 -5.94 18.37 20.78
N GLY A 192 -5.75 17.08 21.09
CA GLY A 192 -4.53 16.63 21.75
C GLY A 192 -3.30 16.84 20.88
N LEU A 193 -3.42 16.58 19.60
CA LEU A 193 -2.30 16.79 18.69
C LEU A 193 -1.96 18.27 18.55
N VAL A 194 -2.98 19.12 18.51
CA VAL A 194 -2.77 20.56 18.37
C VAL A 194 -2.13 21.11 19.65
N GLU A 195 -2.52 20.60 20.80
CA GLU A 195 -1.90 21.03 22.04
C GLU A 195 -0.48 20.51 22.21
N ALA A 196 -0.17 19.40 21.57
CA ALA A 196 1.13 18.78 21.71
C ALA A 196 2.17 19.60 20.95
N SER A 197 3.40 19.61 21.45
CA SER A 197 4.44 20.41 20.81
CA SER A 197 4.47 20.40 20.83
C SER A 197 5.09 19.67 19.64
N CYS A 198 4.72 18.42 19.41
CA CYS A 198 5.37 17.65 18.34
C CYS A 198 5.21 18.26 16.93
N ASP A 199 6.29 18.24 16.14
CA ASP A 199 6.22 18.67 14.75
C ASP A 199 5.76 17.48 13.92
N LEU A 200 4.50 17.09 14.11
CA LEU A 200 3.98 15.90 13.46
C LEU A 200 4.05 16.02 11.94
N GLU A 201 4.55 14.97 11.29
CA GLU A 201 4.77 14.95 9.84
C GLU A 201 3.82 14.02 9.14
N LEU A 202 3.33 13.01 9.85
CA LEU A 202 2.44 12.02 9.20
C LEU A 202 1.35 11.64 10.17
N LEU A 203 0.11 11.64 9.68
CA LEU A 203 -1.01 11.29 10.50
C LEU A 203 -1.91 10.35 9.69
N HIS A 204 -1.99 9.09 10.11
CA HIS A 204 -2.81 8.14 9.37
C HIS A 204 -3.97 7.68 10.24
N LEU A 205 -5.18 7.94 9.75
CA LEU A 205 -6.43 7.65 10.45
C LEU A 205 -7.40 6.95 9.52
N GLU A 206 -6.91 6.02 8.69
CA GLU A 206 -7.79 5.35 7.73
C GLU A 206 -8.69 4.36 8.44
N ASN A 207 -9.94 4.27 8.01
CA ASN A 207 -10.89 3.31 8.58
C ASN A 207 -10.94 3.45 10.12
N CYS A 208 -11.22 4.66 10.57
CA CYS A 208 -11.24 4.96 12.00
C CYS A 208 -12.62 5.42 12.46
N GLY A 209 -13.64 5.29 11.60
CA GLY A 209 -14.98 5.69 12.03
C GLY A 209 -15.20 7.19 11.93
N ILE A 210 -14.44 7.85 11.07
CA ILE A 210 -14.53 9.29 10.89
C ILE A 210 -15.64 9.67 9.91
N THR A 211 -16.46 10.67 10.27
CA THR A 211 -17.44 11.20 9.33
C THR A 211 -17.20 12.71 9.23
N SER A 212 -18.08 13.41 8.53
CA SER A 212 -17.94 14.85 8.43
C SER A 212 -17.92 15.53 9.80
N ASP A 213 -18.53 14.89 10.79
CA ASP A 213 -18.57 15.42 12.15
C ASP A 213 -17.21 15.69 12.79
N SER A 214 -16.15 15.02 12.34
CA SER A 214 -14.87 15.42 12.94
C SER A 214 -13.91 16.07 11.93
N CYS A 215 -14.39 16.34 10.72
CA CYS A 215 -13.55 16.96 9.70
C CYS A 215 -13.18 18.42 9.97
N ARG A 216 -13.99 19.15 10.74
CA ARG A 216 -13.56 20.48 11.15
C ARG A 216 -12.34 20.40 12.07
N ASP A 217 -12.36 19.41 12.94
CA ASP A 217 -11.26 19.23 13.86
C ASP A 217 -9.99 18.76 13.16
N ILE A 218 -10.13 17.90 12.15
CA ILE A 218 -8.95 17.46 11.39
C ILE A 218 -8.37 18.65 10.65
N SER A 219 -9.28 19.46 10.12
CA SER A 219 -8.92 20.72 9.45
C SER A 219 -8.05 21.59 10.35
N ALA A 220 -8.40 21.67 11.63
CA ALA A 220 -7.66 22.51 12.58
C ALA A 220 -6.27 21.93 12.82
N VAL A 221 -6.10 20.61 12.72
CA VAL A 221 -4.76 20.06 12.77
C VAL A 221 -3.94 20.52 11.56
N LEU A 222 -4.52 20.46 10.38
CA LEU A 222 -3.82 20.85 9.15
C LEU A 222 -3.41 22.31 9.23
N SER A 223 -4.27 23.14 9.83
CA SER A 223 -4.00 24.56 9.89
C SER A 223 -3.08 24.94 11.06
N SER A 224 -2.86 24.04 12.02
CA SER A 224 -2.01 24.33 13.17
CA SER A 224 -2.02 24.33 13.18
C SER A 224 -0.70 23.57 13.16
N LYS A 225 -0.55 22.63 12.23
CA LYS A 225 0.69 21.86 12.15
C LYS A 225 1.29 22.02 10.79
N PRO A 226 2.05 23.10 10.57
CA PRO A 226 2.71 23.29 9.29
C PRO A 226 3.63 22.13 8.95
N SER A 227 4.08 21.38 9.96
CA SER A 227 4.97 20.27 9.74
C SER A 227 4.27 19.06 9.10
N LEU A 228 2.92 19.06 9.10
CA LEU A 228 2.18 17.87 8.66
C LEU A 228 2.25 17.74 7.15
N LEU A 229 2.87 16.66 6.66
CA LEU A 229 3.10 16.46 5.24
C LEU A 229 2.20 15.39 4.65
N ASP A 230 1.76 14.46 5.48
CA ASP A 230 1.13 13.23 4.99
C ASP A 230 -0.12 12.95 5.82
N LEU A 231 -1.29 13.14 5.20
CA LEU A 231 -2.56 12.85 5.87
C LEU A 231 -3.27 11.72 5.12
N ALA A 232 -3.62 10.64 5.82
CA ALA A 232 -4.41 9.57 5.23
C ALA A 232 -5.72 9.40 6.01
N VAL A 233 -6.86 9.64 5.34
CA VAL A 233 -8.17 9.39 5.96
C VAL A 233 -9.08 8.57 5.05
N GLY A 234 -8.49 7.74 4.21
CA GLY A 234 -9.26 6.87 3.35
C GLY A 234 -10.08 5.85 4.15
N ASP A 235 -11.08 5.28 3.50
CA ASP A 235 -11.97 4.29 4.13
C ASP A 235 -12.65 4.87 5.36
N ASN A 236 -12.93 6.17 5.29
CA ASN A 236 -13.81 6.84 6.24
C ASN A 236 -14.88 7.53 5.42
N LYS A 237 -16.12 7.35 5.82
CA LYS A 237 -17.23 7.87 5.02
C LYS A 237 -17.46 9.34 5.35
N ILE A 238 -16.53 10.20 4.93
CA ILE A 238 -16.67 11.61 5.24
C ILE A 238 -17.59 12.31 4.23
N GLY A 239 -17.64 11.78 3.01
CA GLY A 239 -18.51 12.32 1.99
C GLY A 239 -18.11 13.71 1.54
N ASP A 240 -18.89 14.26 0.63
CA ASP A 240 -18.61 15.58 0.08
C ASP A 240 -18.60 16.64 1.19
N THR A 241 -19.49 16.47 2.15
CA THR A 241 -19.60 17.41 3.27
C THR A 241 -18.33 17.43 4.09
N GLY A 242 -17.80 16.25 4.44
CA GLY A 242 -16.58 16.21 5.23
C GLY A 242 -15.38 16.67 4.41
N LEU A 243 -15.32 16.25 3.15
CA LEU A 243 -14.27 16.71 2.26
C LEU A 243 -14.26 18.25 2.21
N ALA A 244 -15.39 18.91 2.03
CA ALA A 244 -15.41 20.38 2.02
C ALA A 244 -14.82 20.99 3.31
N LEU A 245 -15.15 20.40 4.46
CA LEU A 245 -14.60 20.87 5.74
C LEU A 245 -13.10 20.66 5.80
N LEU A 246 -12.62 19.50 5.34
CA LEU A 246 -11.19 19.23 5.30
C LEU A 246 -10.47 20.25 4.43
N CYS A 247 -11.10 20.67 3.33
CA CYS A 247 -10.43 21.59 2.42
C CYS A 247 -10.23 22.97 3.05
N GLN A 248 -10.99 23.32 4.09
CA GLN A 248 -10.72 24.56 4.83
C GLN A 248 -9.33 24.55 5.45
N GLY A 249 -8.93 23.41 6.00
CA GLY A 249 -7.58 23.24 6.50
C GLY A 249 -6.55 23.10 5.39
N LEU A 250 -6.89 22.36 4.34
CA LEU A 250 -5.95 22.14 3.22
C LEU A 250 -5.64 23.47 2.56
N LEU A 251 -6.64 24.34 2.46
CA LEU A 251 -6.47 25.63 1.80
C LEU A 251 -5.90 26.70 2.74
N HIS A 252 -5.75 26.38 4.00
CA HIS A 252 -5.19 27.34 4.95
C HIS A 252 -3.75 27.65 4.59
N PRO A 253 -3.34 28.93 4.69
CA PRO A 253 -1.95 29.28 4.31
C PRO A 253 -0.87 28.51 5.11
N ASN A 254 -1.16 28.08 6.34
CA ASN A 254 -0.18 27.31 7.12
C ASN A 254 0.02 25.87 6.62
N CYS A 255 -0.95 25.36 5.87
CA CYS A 255 -0.95 23.93 5.54
C CYS A 255 0.03 23.68 4.42
N LYS A 256 0.93 22.73 4.62
CA LYS A 256 1.96 22.40 3.66
C LYS A 256 1.85 20.93 3.23
N ILE A 257 0.62 20.41 3.16
CA ILE A 257 0.34 18.99 2.85
C ILE A 257 1.03 18.54 1.55
N GLN A 258 1.65 17.36 1.58
CA GLN A 258 2.27 16.82 0.38
C GLN A 258 1.55 15.58 -0.13
N LYS A 259 1.09 14.75 0.80
CA LYS A 259 0.46 13.48 0.45
C LYS A 259 -0.92 13.42 1.09
N LEU A 260 -1.93 13.16 0.27
CA LEU A 260 -3.31 13.22 0.72
C LEU A 260 -4.08 12.01 0.28
N TRP A 261 -4.47 11.15 1.24
CA TRP A 261 -5.11 9.90 0.87
C TRP A 261 -6.57 9.90 1.26
N LEU A 262 -7.41 9.89 0.21
CA LEU A 262 -8.86 10.03 0.33
C LEU A 262 -9.61 8.92 -0.38
N TRP A 263 -9.03 7.73 -0.39
CA TRP A 263 -9.66 6.62 -1.11
C TRP A 263 -10.85 6.09 -0.34
N ASP A 264 -11.88 5.64 -1.06
CA ASP A 264 -13.10 5.08 -0.49
C ASP A 264 -13.68 6.02 0.62
N CYS A 265 -13.85 7.28 0.27
CA CYS A 265 -14.36 8.29 1.20
C CYS A 265 -15.77 8.72 0.86
N ASP A 266 -16.43 7.95 -0.01
CA ASP A 266 -17.79 8.25 -0.46
C ASP A 266 -17.91 9.64 -1.09
N LEU A 267 -16.87 10.03 -1.84
CA LEU A 267 -16.86 11.31 -2.53
C LEU A 267 -17.60 11.15 -3.86
N THR A 268 -18.35 12.18 -4.23
CA THR A 268 -19.02 12.24 -5.52
C THR A 268 -18.38 13.34 -6.35
N SER A 269 -18.87 13.57 -7.57
CA SER A 269 -18.35 14.64 -8.42
C SER A 269 -18.36 16.00 -7.76
N ALA A 270 -19.31 16.21 -6.85
CA ALA A 270 -19.41 17.50 -6.16
C ALA A 270 -18.16 17.81 -5.33
N SER A 271 -17.49 16.79 -4.81
CA SER A 271 -16.26 17.02 -4.06
C SER A 271 -15.15 17.55 -4.96
N CYS A 272 -15.29 17.41 -6.27
CA CYS A 272 -14.17 17.79 -7.12
C CYS A 272 -14.05 19.31 -7.30
N LYS A 273 -15.10 20.05 -6.93
CA LYS A 273 -15.01 21.52 -6.88
C LYS A 273 -13.99 21.95 -5.85
N ASP A 274 -14.17 21.46 -4.62
CA ASP A 274 -13.25 21.80 -3.56
C ASP A 274 -11.87 21.21 -3.81
N LEU A 275 -11.81 19.97 -4.30
CA LEU A 275 -10.52 19.35 -4.57
C LEU A 275 -9.77 20.10 -5.68
N SER A 276 -10.49 20.64 -6.65
CA SER A 276 -9.87 21.46 -7.69
C SER A 276 -9.24 22.73 -7.12
N ARG A 277 -9.90 23.34 -6.15
CA ARG A 277 -9.35 24.52 -5.54
C ARG A 277 -8.05 24.17 -4.79
N VAL A 278 -8.01 23.03 -4.12
CA VAL A 278 -6.76 22.56 -3.51
C VAL A 278 -5.65 22.30 -4.53
N PHE A 279 -5.97 21.54 -5.57
CA PHE A 279 -5.04 21.23 -6.65
C PHE A 279 -4.44 22.47 -7.31
N SER A 280 -5.20 23.57 -7.36
CA SER A 280 -4.80 24.79 -8.05
CA SER A 280 -4.72 24.75 -8.08
C SER A 280 -4.18 25.82 -7.12
N THR A 281 -4.24 25.55 -5.82
CA THR A 281 -3.79 26.52 -4.84
C THR A 281 -2.56 26.06 -4.06
N LYS A 282 -2.48 24.77 -3.75
CA LYS A 282 -1.45 24.26 -2.84
C LYS A 282 -0.24 23.70 -3.58
N GLU A 283 0.77 24.55 -3.77
CA GLU A 283 1.97 24.19 -4.51
C GLU A 283 2.70 23.03 -3.89
N THR A 284 2.52 22.81 -2.59
CA THR A 284 3.25 21.74 -1.92
C THR A 284 2.63 20.35 -2.15
N LEU A 285 1.36 20.30 -2.57
CA LEU A 285 0.68 19.02 -2.76
C LEU A 285 1.33 18.19 -3.90
N LEU A 286 1.75 16.98 -3.59
CA LEU A 286 2.50 16.14 -4.51
C LEU A 286 1.77 14.87 -4.93
N GLU A 287 1.05 14.26 -4.00
CA GLU A 287 0.48 12.92 -4.24
C GLU A 287 -0.91 12.87 -3.67
N VAL A 288 -1.86 12.38 -4.46
CA VAL A 288 -3.25 12.28 -3.99
C VAL A 288 -3.83 10.96 -4.45
N SER A 289 -4.45 10.21 -3.54
CA SER A 289 -5.20 9.03 -3.92
C SER A 289 -6.67 9.31 -3.71
N LEU A 290 -7.44 9.16 -4.79
CA LEU A 290 -8.90 9.28 -4.75
C LEU A 290 -9.56 7.98 -5.20
N ILE A 291 -8.84 6.88 -5.11
CA ILE A 291 -9.35 5.58 -5.55
C ILE A 291 -10.68 5.18 -4.90
N ASP A 292 -11.56 4.54 -5.68
CA ASP A 292 -12.84 4.04 -5.21
C ASP A 292 -13.75 5.14 -4.64
N ASN A 293 -13.84 6.23 -5.38
CA ASN A 293 -14.81 7.30 -5.17
C ASN A 293 -15.53 7.53 -6.47
N ASN A 294 -16.83 7.73 -6.40
CA ASN A 294 -17.60 7.91 -7.63
C ASN A 294 -17.51 9.34 -8.14
N LEU A 295 -16.32 9.71 -8.60
CA LEU A 295 -16.07 11.05 -9.07
C LEU A 295 -16.78 11.29 -10.39
N ARG A 296 -16.89 10.24 -11.20
CA ARG A 296 -17.44 10.30 -12.56
C ARG A 296 -16.66 11.22 -13.48
N ASP A 297 -17.02 11.21 -14.76
CA ASP A 297 -16.32 12.02 -15.77
C ASP A 297 -16.32 13.50 -15.41
N SER A 298 -17.47 14.03 -15.01
CA SER A 298 -17.60 15.43 -14.65
C SER A 298 -16.66 15.85 -13.51
N GLY A 299 -16.51 14.97 -12.52
CA GLY A 299 -15.60 15.26 -11.43
C GLY A 299 -14.16 15.26 -11.91
N MET A 300 -13.77 14.22 -12.65
CA MET A 300 -12.43 14.13 -13.19
C MET A 300 -12.10 15.36 -14.04
N GLU A 301 -13.10 15.83 -14.78
CA GLU A 301 -12.88 16.96 -15.66
C GLU A 301 -12.57 18.24 -14.89
N MET A 302 -13.21 18.42 -13.74
CA MET A 302 -12.89 19.55 -12.87
C MET A 302 -11.45 19.50 -12.38
N LEU A 303 -11.03 18.34 -11.87
CA LEU A 303 -9.66 18.17 -11.41
C LEU A 303 -8.66 18.48 -12.54
N CYS A 304 -8.97 18.04 -13.75
CA CYS A 304 -8.09 18.24 -14.92
C CYS A 304 -7.90 19.72 -15.26
N GLN A 305 -8.99 20.48 -15.18
CA GLN A 305 -8.93 21.92 -15.35
C GLN A 305 -8.07 22.59 -14.29
N ALA A 306 -8.09 22.04 -13.07
CA ALA A 306 -7.26 22.57 -12.00
C ALA A 306 -5.78 22.25 -12.24
N LEU A 307 -5.51 21.06 -12.77
CA LEU A 307 -4.14 20.61 -12.97
C LEU A 307 -3.41 21.33 -14.11
N LYS A 308 -4.09 22.26 -14.78
CA LYS A 308 -3.47 23.11 -15.80
C LYS A 308 -2.92 24.43 -15.25
N ASP A 309 -3.32 24.78 -14.02
CA ASP A 309 -2.81 25.99 -13.40
C ASP A 309 -1.34 25.76 -13.07
N PRO A 310 -0.50 26.79 -13.23
CA PRO A 310 0.94 26.57 -13.10
C PRO A 310 1.34 26.27 -11.65
N LYS A 311 0.49 26.68 -10.71
CA LYS A 311 0.74 26.37 -9.31
C LYS A 311 0.53 24.87 -9.01
N ALA A 312 -0.16 24.17 -9.90
CA ALA A 312 -0.39 22.74 -9.70
C ALA A 312 0.91 21.95 -9.82
N HIS A 313 1.44 21.49 -8.69
CA HIS A 313 2.70 20.76 -8.72
C HIS A 313 2.51 19.28 -8.45
N LEU A 314 1.27 18.82 -8.57
CA LEU A 314 0.95 17.42 -8.32
C LEU A 314 1.83 16.51 -9.16
N GLN A 315 2.39 15.48 -8.54
CA GLN A 315 3.27 14.57 -9.26
C GLN A 315 2.63 13.21 -9.43
N GLU A 316 1.65 12.91 -8.58
CA GLU A 316 1.08 11.56 -8.58
C GLU A 316 -0.41 11.60 -8.26
N LEU A 317 -1.22 11.04 -9.16
CA LEU A 317 -2.68 11.05 -9.00
C LEU A 317 -3.24 9.65 -9.21
N TRP A 318 -3.86 9.09 -8.16
CA TRP A 318 -4.51 7.79 -8.31
C TRP A 318 -6.00 7.97 -8.34
N VAL A 319 -6.60 7.54 -9.45
CA VAL A 319 -8.04 7.62 -9.65
C VAL A 319 -8.59 6.31 -10.24
N ARG A 320 -7.99 5.21 -9.84
CA ARG A 320 -8.54 3.88 -10.07
C ARG A 320 -9.98 3.77 -9.52
N GLU A 321 -10.88 3.15 -10.29
CA GLU A 321 -12.24 2.85 -9.83
C GLU A 321 -12.99 4.14 -9.40
N CYS A 322 -13.04 5.10 -10.31
CA CYS A 322 -13.69 6.38 -10.02
C CYS A 322 -14.85 6.70 -10.97
N GLY A 323 -15.37 5.67 -11.61
CA GLY A 323 -16.51 5.82 -12.50
C GLY A 323 -16.18 6.56 -13.79
N LEU A 324 -14.92 6.46 -14.24
CA LEU A 324 -14.46 7.24 -15.37
C LEU A 324 -14.66 6.47 -16.68
N THR A 325 -14.87 7.19 -17.77
CA THR A 325 -15.06 6.62 -19.12
C THR A 325 -14.25 7.40 -20.15
N ALA A 326 -14.38 7.03 -21.42
CA ALA A 326 -13.66 7.76 -22.47
C ALA A 326 -14.04 9.24 -22.50
N ALA A 327 -15.23 9.58 -22.05
CA ALA A 327 -15.69 10.97 -22.05
C ALA A 327 -14.71 11.92 -21.36
N CYS A 328 -14.06 11.47 -20.28
CA CYS A 328 -13.14 12.34 -19.54
C CYS A 328 -11.71 12.36 -20.11
N CYS A 329 -11.44 11.52 -21.10
CA CYS A 329 -10.06 11.35 -21.54
C CYS A 329 -9.47 12.52 -22.33
N LYS A 330 -10.31 13.24 -23.07
CA LYS A 330 -9.83 14.45 -23.74
C LYS A 330 -9.36 15.45 -22.69
N ALA A 331 -10.11 15.57 -21.58
CA ALA A 331 -9.73 16.46 -20.50
C ALA A 331 -8.42 16.02 -19.88
N VAL A 332 -8.27 14.71 -19.69
CA VAL A 332 -7.07 14.19 -19.07
C VAL A 332 -5.89 14.35 -20.01
N SER A 333 -6.13 14.13 -21.30
CA SER A 333 -5.05 14.26 -22.28
C SER A 333 -4.50 15.69 -22.28
N SER A 334 -5.40 16.67 -22.14
CA SER A 334 -5.01 18.08 -22.11
C SER A 334 -4.02 18.36 -20.99
N VAL A 335 -4.23 17.72 -19.85
CA VAL A 335 -3.35 17.91 -18.71
C VAL A 335 -1.96 17.39 -19.02
N LEU A 336 -1.89 16.20 -19.60
CA LEU A 336 -0.61 15.59 -19.95
C LEU A 336 0.16 16.50 -20.91
N SER A 337 -0.58 17.20 -21.75
CA SER A 337 0.02 18.13 -22.70
C SER A 337 0.73 19.29 -22.01
N VAL A 338 0.08 19.92 -21.03
CA VAL A 338 0.56 21.19 -20.50
C VAL A 338 1.19 21.11 -19.11
N ASN A 339 0.78 20.13 -18.30
CA ASN A 339 1.33 20.00 -16.95
C ASN A 339 2.65 19.24 -16.98
N LYS A 340 3.70 19.89 -16.48
CA LYS A 340 5.05 19.31 -16.56
C LYS A 340 5.42 18.52 -15.30
N HIS A 341 4.61 18.67 -14.25
CA HIS A 341 4.94 18.11 -12.93
C HIS A 341 4.39 16.71 -12.70
N LEU A 342 3.27 16.38 -13.37
CA LEU A 342 2.60 15.10 -13.18
C LEU A 342 3.44 13.96 -13.73
N GLN A 343 3.82 13.04 -12.85
CA GLN A 343 4.73 11.96 -13.23
C GLN A 343 4.12 10.58 -13.17
N VAL A 344 3.07 10.44 -12.35
CA VAL A 344 2.45 9.14 -12.15
C VAL A 344 0.93 9.25 -12.24
N LEU A 345 0.32 8.42 -13.09
CA LEU A 345 -1.13 8.35 -13.17
C LEU A 345 -1.64 6.91 -13.08
N HIS A 346 -2.44 6.61 -12.06
CA HIS A 346 -3.15 5.34 -11.97
C HIS A 346 -4.63 5.58 -12.25
N ILE A 347 -5.15 4.97 -13.32
CA ILE A 347 -6.50 5.25 -13.74
C ILE A 347 -7.19 3.94 -14.18
N GLY A 348 -6.77 2.84 -13.57
CA GLY A 348 -7.32 1.53 -13.81
C GLY A 348 -8.72 1.34 -13.25
N GLU A 349 -9.33 0.19 -13.53
CA GLU A 349 -10.70 -0.10 -13.06
C GLU A 349 -11.65 1.02 -13.42
N ASN A 350 -11.44 1.58 -14.62
CA ASN A 350 -12.32 2.56 -15.22
C ASN A 350 -12.62 2.11 -16.63
N LYS A 351 -13.89 2.12 -17.03
CA LYS A 351 -14.25 1.70 -18.39
C LYS A 351 -13.81 2.72 -19.43
N LEU A 352 -12.51 2.88 -19.63
CA LEU A 352 -12.02 3.88 -20.57
C LEU A 352 -12.16 3.37 -22.00
N GLY A 353 -11.95 2.06 -22.19
CA GLY A 353 -12.10 1.45 -23.50
C GLY A 353 -10.95 1.82 -24.42
N ASN A 354 -10.93 1.23 -25.61
CA ASN A 354 -9.86 1.48 -26.56
C ASN A 354 -9.78 2.96 -26.92
N ALA A 355 -10.93 3.58 -27.10
CA ALA A 355 -10.98 4.97 -27.53
C ALA A 355 -10.43 5.92 -26.47
N GLY A 356 -10.81 5.68 -25.21
CA GLY A 356 -10.30 6.47 -24.11
C GLY A 356 -8.79 6.43 -24.02
N VAL A 357 -8.21 5.24 -24.14
CA VAL A 357 -6.78 5.08 -23.94
C VAL A 357 -5.97 5.62 -25.12
N GLU A 358 -6.53 5.49 -26.33
CA GLU A 358 -5.90 6.09 -27.49
C GLU A 358 -5.83 7.61 -27.32
N ILE A 359 -6.87 8.19 -26.74
CA ILE A 359 -6.87 9.62 -26.45
C ILE A 359 -5.78 10.02 -25.46
N LEU A 360 -5.64 9.26 -24.37
CA LEU A 360 -4.56 9.51 -23.40
C LEU A 360 -3.19 9.50 -24.10
N CYS A 361 -3.02 8.58 -25.03
CA CYS A 361 -1.74 8.45 -25.72
C CYS A 361 -1.40 9.70 -26.55
N GLU A 362 -2.41 10.42 -27.01
CA GLU A 362 -2.21 11.73 -27.64
C GLU A 362 -1.48 12.70 -26.72
N GLY A 363 -2.00 12.87 -25.51
CA GLY A 363 -1.37 13.74 -24.52
C GLY A 363 0.00 13.26 -24.10
N LEU A 364 0.16 11.94 -23.98
CA LEU A 364 1.42 11.37 -23.51
C LEU A 364 2.59 11.73 -24.42
N LEU A 365 2.31 11.87 -25.71
CA LEU A 365 3.37 12.07 -26.68
C LEU A 365 3.92 13.51 -26.68
N HIS A 366 3.27 14.43 -25.96
CA HIS A 366 3.74 15.82 -25.94
C HIS A 366 5.07 15.97 -25.22
N PRO A 367 5.95 16.83 -25.75
CA PRO A 367 7.35 16.94 -25.32
C PRO A 367 7.51 17.25 -23.83
N ASN A 368 6.57 18.00 -23.28
CA ASN A 368 6.67 18.40 -21.89
C ASN A 368 5.81 17.51 -20.97
N CYS A 369 5.35 16.37 -21.49
CA CYS A 369 4.69 15.37 -20.65
C CYS A 369 5.72 14.52 -19.92
N ASN A 370 5.67 14.52 -18.59
CA ASN A 370 6.68 13.83 -17.83
C ASN A 370 6.14 12.62 -17.09
N ILE A 371 5.05 12.07 -17.60
CA ILE A 371 4.55 10.80 -17.09
C ILE A 371 5.57 9.70 -17.31
N HIS A 372 6.06 9.12 -16.23
CA HIS A 372 6.99 8.00 -16.40
CA HIS A 372 7.03 8.02 -16.29
C HIS A 372 6.33 6.68 -16.02
N SER A 373 5.19 6.75 -15.34
CA SER A 373 4.45 5.55 -14.95
C SER A 373 2.95 5.70 -15.10
N LEU A 374 2.36 4.89 -15.98
CA LEU A 374 0.93 4.97 -16.27
C LEU A 374 0.22 3.62 -16.04
N TRP A 375 -0.78 3.60 -15.16
CA TRP A 375 -1.43 2.33 -14.85
C TRP A 375 -2.84 2.30 -15.41
N LEU A 376 -3.11 1.24 -16.19
CA LEU A 376 -4.35 1.12 -16.96
C LEU A 376 -4.98 -0.28 -16.85
N GLY A 377 -4.76 -0.96 -15.73
CA GLY A 377 -5.33 -2.28 -15.54
C GLY A 377 -6.84 -2.28 -15.52
N ASN A 378 -7.45 -3.31 -16.11
CA ASN A 378 -8.89 -3.47 -16.13
C ASN A 378 -9.60 -2.21 -16.59
N CYS A 379 -9.22 -1.74 -17.78
CA CYS A 379 -9.76 -0.55 -18.40
CA CYS A 379 -9.90 -0.57 -18.33
C CYS A 379 -10.55 -0.88 -19.67
N ASP A 380 -10.94 -2.14 -19.82
CA ASP A 380 -11.67 -2.62 -20.99
C ASP A 380 -10.96 -2.35 -22.32
N ILE A 381 -9.64 -2.40 -22.33
CA ILE A 381 -8.96 -2.25 -23.60
C ILE A 381 -8.75 -3.64 -24.21
N THR A 382 -8.60 -3.69 -25.51
CA THR A 382 -8.45 -4.96 -26.21
C THR A 382 -7.29 -4.86 -27.18
N ALA A 383 -7.13 -5.86 -28.04
CA ALA A 383 -6.01 -5.88 -28.98
C ALA A 383 -5.94 -4.63 -29.85
N ALA A 384 -7.09 -4.05 -30.16
CA ALA A 384 -7.17 -2.93 -31.09
C ALA A 384 -6.44 -1.67 -30.62
N CYS A 385 -6.10 -1.62 -29.33
CA CYS A 385 -5.45 -0.45 -28.75
C CYS A 385 -3.94 -0.62 -28.71
N CYS A 386 -3.47 -1.84 -28.89
CA CYS A 386 -2.06 -2.14 -28.63
C CYS A 386 -1.06 -1.59 -29.65
N ALA A 387 -1.47 -1.33 -30.88
CA ALA A 387 -0.57 -0.68 -31.85
C ALA A 387 -0.25 0.75 -31.39
N THR A 388 -1.29 1.44 -30.95
CA THR A 388 -1.18 2.78 -30.38
C THR A 388 -0.25 2.82 -29.17
N LEU A 389 -0.53 1.96 -28.18
CA LEU A 389 0.33 1.82 -27.02
C LEU A 389 1.77 1.52 -27.42
N ALA A 390 1.93 0.70 -28.46
CA ALA A 390 3.25 0.30 -28.94
C ALA A 390 4.03 1.52 -29.38
N ASN A 391 3.43 2.32 -30.26
CA ASN A 391 4.07 3.53 -30.72
C ASN A 391 4.46 4.46 -29.56
N VAL A 392 3.65 4.51 -28.51
CA VAL A 392 4.01 5.29 -27.33
C VAL A 392 5.29 4.73 -26.71
N MET A 393 5.32 3.42 -26.56
CA MET A 393 6.43 2.76 -25.90
C MET A 393 7.78 2.99 -26.59
N VAL A 394 7.79 3.07 -27.92
CA VAL A 394 9.05 3.25 -28.65
C VAL A 394 9.41 4.72 -28.82
N THR A 395 8.42 5.59 -28.67
CA THR A 395 8.61 7.01 -28.88
C THR A 395 8.86 7.80 -27.59
N LYS A 396 8.04 7.58 -26.57
CA LYS A 396 8.14 8.37 -25.35
C LYS A 396 9.40 7.93 -24.54
N GLN A 397 10.56 8.60 -24.61
CA GLN A 397 11.69 7.99 -23.90
C GLN A 397 11.50 7.97 -22.40
N ASN A 398 10.72 8.89 -21.86
CA ASN A 398 10.67 9.01 -20.42
C ASN A 398 9.58 8.16 -19.75
N LEU A 399 8.93 7.29 -20.52
CA LEU A 399 7.93 6.37 -19.99
C LEU A 399 8.55 5.03 -19.64
N THR A 400 8.70 4.75 -18.35
CA THR A 400 9.41 3.54 -17.94
C THR A 400 8.53 2.51 -17.28
N GLU A 401 7.26 2.84 -17.07
CA GLU A 401 6.38 1.88 -16.42
C GLU A 401 4.96 1.97 -16.95
N LEU A 402 4.41 0.81 -17.28
CA LEU A 402 3.09 0.73 -17.88
C LEU A 402 2.40 -0.56 -17.42
N ASP A 403 1.23 -0.42 -16.82
CA ASP A 403 0.50 -1.57 -16.32
C ASP A 403 -0.77 -1.77 -17.13
N LEU A 404 -0.85 -2.90 -17.82
CA LEU A 404 -2.00 -3.20 -18.68
C LEU A 404 -2.73 -4.45 -18.21
N SER A 405 -2.53 -4.81 -16.94
CA SER A 405 -3.02 -6.05 -16.36
C SER A 405 -4.55 -6.15 -16.42
N TYR A 406 -5.07 -7.38 -16.43
CA TYR A 406 -6.52 -7.62 -16.42
C TYR A 406 -7.24 -6.98 -17.58
N ASN A 407 -6.57 -6.90 -18.73
CA ASN A 407 -7.25 -6.52 -19.95
C ASN A 407 -7.19 -7.70 -20.92
N THR A 408 -8.29 -7.93 -21.62
CA THR A 408 -8.32 -8.98 -22.63
C THR A 408 -7.62 -8.50 -23.91
N LEU A 409 -6.29 -8.40 -23.86
CA LEU A 409 -5.49 -7.88 -24.96
C LEU A 409 -5.37 -8.90 -26.08
N GLU A 410 -5.51 -10.16 -25.70
CA GLU A 410 -5.38 -11.32 -26.60
C GLU A 410 -3.93 -11.51 -27.04
N ASP A 411 -3.65 -12.68 -27.62
CA ASP A 411 -2.27 -12.96 -27.99
C ASP A 411 -1.79 -11.90 -28.95
N GLU A 412 -2.68 -11.46 -29.84
CA GLU A 412 -2.35 -10.48 -30.87
C GLU A 412 -1.88 -9.15 -30.28
N GLY A 413 -2.58 -8.70 -29.24
CA GLY A 413 -2.24 -7.46 -28.59
C GLY A 413 -0.90 -7.50 -27.87
N VAL A 414 -0.68 -8.56 -27.10
CA VAL A 414 0.58 -8.69 -26.37
C VAL A 414 1.76 -8.82 -27.35
N MET A 415 1.56 -9.51 -28.46
CA MET A 415 2.62 -9.62 -29.45
C MET A 415 3.01 -8.25 -29.98
N LYS A 416 2.03 -7.37 -30.16
CA LYS A 416 2.31 -6.00 -30.58
C LYS A 416 3.16 -5.26 -29.55
N LEU A 417 2.91 -5.51 -28.27
CA LEU A 417 3.65 -4.85 -27.21
C LEU A 417 5.09 -5.35 -27.20
N CYS A 418 5.24 -6.66 -27.39
CA CYS A 418 6.56 -7.27 -27.48
C CYS A 418 7.43 -6.67 -28.58
N GLU A 419 6.84 -6.40 -29.74
CA GLU A 419 7.63 -5.86 -30.84
C GLU A 419 8.15 -4.47 -30.50
N ALA A 420 7.38 -3.72 -29.72
CA ALA A 420 7.83 -2.42 -29.24
C ALA A 420 8.99 -2.59 -28.28
N VAL A 421 8.88 -3.60 -27.40
CA VAL A 421 9.89 -3.83 -26.40
C VAL A 421 11.23 -4.18 -27.09
N ARG A 422 11.18 -4.90 -28.21
CA ARG A 422 12.39 -5.27 -28.95
C ARG A 422 13.10 -4.06 -29.57
N ASN A 423 12.32 -3.06 -29.99
CA ASN A 423 12.86 -1.83 -30.57
C ASN A 423 13.78 -1.15 -29.56
N PRO A 424 15.04 -0.86 -29.96
CA PRO A 424 16.10 -0.30 -29.11
C PRO A 424 15.82 1.12 -28.62
N ASN A 425 14.92 1.83 -29.29
CA ASN A 425 14.54 3.16 -28.88
C ASN A 425 13.62 3.13 -27.65
N CYS A 426 13.09 1.96 -27.35
CA CYS A 426 12.17 1.78 -26.22
C CYS A 426 12.87 1.72 -24.87
N LYS A 427 12.54 2.67 -23.99
CA LYS A 427 13.21 2.73 -22.69
C LYS A 427 12.37 2.22 -21.53
N MET A 428 11.24 1.61 -21.86
CA MET A 428 10.40 0.89 -20.92
C MET A 428 11.24 0.05 -19.94
N GLN A 429 10.89 0.10 -18.67
CA GLN A 429 11.65 -0.61 -17.63
C GLN A 429 10.82 -1.71 -16.99
N GLN A 430 9.54 -1.45 -16.76
CA GLN A 430 8.63 -2.47 -16.25
C GLN A 430 7.29 -2.43 -17.01
N LEU A 431 7.02 -3.48 -17.78
CA LEU A 431 5.72 -3.66 -18.43
C LEU A 431 4.93 -4.69 -17.65
N ILE A 432 3.76 -4.29 -17.14
CA ILE A 432 3.04 -5.15 -16.21
C ILE A 432 1.78 -5.72 -16.87
N LEU A 433 1.68 -7.05 -16.86
CA LEU A 433 0.67 -7.76 -17.64
C LEU A 433 0.10 -8.92 -16.84
N TYR A 434 -0.35 -8.66 -15.61
CA TYR A 434 -0.91 -9.71 -14.78
C TYR A 434 -2.22 -10.22 -15.34
N ASP A 435 -2.51 -11.50 -15.08
CA ASP A 435 -3.82 -12.10 -15.38
C ASP A 435 -4.37 -11.71 -16.75
N ILE A 436 -3.52 -11.85 -17.76
CA ILE A 436 -3.97 -11.74 -19.14
C ILE A 436 -3.84 -13.14 -19.77
N PHE A 437 -4.95 -13.62 -20.32
CA PHE A 437 -5.00 -14.97 -20.87
C PHE A 437 -4.34 -15.03 -22.25
N TRP A 438 -3.17 -15.66 -22.32
CA TRP A 438 -2.56 -15.90 -23.62
C TRP A 438 -2.14 -17.35 -23.75
N GLY A 439 -1.92 -17.78 -24.99
CA GLY A 439 -1.49 -19.13 -25.27
C GLY A 439 -0.02 -19.31 -24.95
N PRO A 440 0.45 -20.56 -25.00
CA PRO A 440 1.84 -20.88 -24.63
C PRO A 440 2.87 -20.24 -25.57
N GLU A 441 2.48 -19.87 -26.79
CA GLU A 441 3.41 -19.25 -27.72
C GLU A 441 3.84 -17.87 -27.24
N VAL A 442 2.95 -17.17 -26.52
CA VAL A 442 3.34 -15.92 -25.89
C VAL A 442 4.18 -16.20 -24.64
N ASP A 443 3.81 -17.21 -23.85
CA ASP A 443 4.61 -17.61 -22.69
C ASP A 443 6.06 -17.86 -23.10
N ASP A 444 6.24 -18.43 -24.30
CA ASP A 444 7.59 -18.70 -24.79
C ASP A 444 8.25 -17.44 -25.32
N GLU A 445 7.47 -16.56 -25.96
CA GLU A 445 8.05 -15.33 -26.48
C GLU A 445 8.51 -14.40 -25.36
N LEU A 446 7.76 -14.34 -24.26
CA LEU A 446 8.17 -13.49 -23.14
C LEU A 446 9.49 -14.00 -22.53
N LYS A 447 9.60 -15.32 -22.39
CA LYS A 447 10.85 -15.92 -21.94
C LYS A 447 12.01 -15.56 -22.86
N ALA A 448 11.80 -15.69 -24.17
CA ALA A 448 12.82 -15.33 -25.14
C ALA A 448 13.18 -13.84 -25.05
N LEU A 449 12.18 -13.02 -24.78
CA LEU A 449 12.38 -11.57 -24.75
C LEU A 449 13.06 -11.11 -23.45
N GLU A 450 12.96 -11.92 -22.40
CA GLU A 450 13.67 -11.65 -21.16
C GLU A 450 15.18 -11.67 -21.43
N GLU A 451 15.58 -12.52 -22.37
CA GLU A 451 16.99 -12.71 -22.71
C GLU A 451 17.49 -11.66 -23.70
N ALA A 452 16.64 -11.28 -24.64
CA ALA A 452 16.95 -10.24 -25.62
C ALA A 452 17.12 -8.87 -24.96
N ARG A 453 16.17 -8.47 -24.12
CA ARG A 453 16.24 -7.17 -23.45
C ARG A 453 15.97 -7.25 -21.96
N PRO A 454 17.00 -7.57 -21.18
CA PRO A 454 16.90 -7.71 -19.72
C PRO A 454 16.64 -6.39 -19.00
N ASP A 455 16.85 -5.27 -19.67
CA ASP A 455 16.59 -3.97 -19.04
C ASP A 455 15.12 -3.60 -19.09
N VAL A 456 14.31 -4.46 -19.68
CA VAL A 456 12.86 -4.27 -19.76
C VAL A 456 12.18 -5.42 -19.06
N LYS A 457 11.63 -5.19 -17.88
CA LYS A 457 11.01 -6.27 -17.13
C LYS A 457 9.55 -6.42 -17.51
N ILE A 458 9.18 -7.64 -17.89
CA ILE A 458 7.80 -7.94 -18.25
C ILE A 458 7.20 -8.80 -17.16
N ILE A 459 6.26 -8.21 -16.44
CA ILE A 459 5.72 -8.80 -15.23
C ILE A 459 4.41 -9.50 -15.50
N SER A 460 4.28 -10.76 -15.11
CA SER A 460 3.00 -11.45 -15.21
C SER A 460 2.85 -12.54 -14.16
N PRO B 1 0.57 -18.54 -18.42
CA PRO B 1 0.23 -19.02 -17.07
C PRO B 1 -0.02 -20.54 -17.04
N THR B 2 0.44 -21.19 -15.98
CA THR B 2 0.28 -22.64 -15.83
C THR B 2 -0.72 -22.98 -14.74
N TYR B 3 -1.00 -24.27 -14.59
CA TYR B 3 -1.89 -24.74 -13.55
C TYR B 3 -1.34 -24.42 -12.13
N GLN B 4 -0.08 -24.70 -11.89
CA GLN B 4 0.46 -24.47 -10.54
C GLN B 4 0.69 -22.98 -10.25
N ASP B 5 0.79 -22.16 -11.29
CA ASP B 5 0.84 -20.70 -11.11
C ASP B 5 -0.53 -20.21 -10.66
N PHE B 6 -1.57 -20.78 -11.26
CA PHE B 6 -2.95 -20.47 -10.89
C PHE B 6 -3.22 -20.77 -9.42
N LEU B 7 -2.75 -21.93 -9.00
CA LEU B 7 -2.91 -22.34 -7.61
C LEU B 7 -2.17 -21.39 -6.69
N ARG B 8 -0.92 -21.13 -7.03
CA ARG B 8 -0.04 -20.31 -6.20
C ARG B 8 -0.59 -18.89 -6.03
N THR B 9 -1.13 -18.32 -7.10
CA THR B 9 -1.52 -16.91 -7.09
C THR B 9 -2.99 -16.69 -6.77
N HIS B 10 -3.82 -17.73 -6.90
CA HIS B 10 -5.26 -17.52 -6.74
C HIS B 10 -6.01 -18.58 -5.93
N VAL B 11 -5.31 -19.51 -5.30
CA VAL B 11 -5.98 -20.46 -4.41
C VAL B 11 -5.30 -20.55 -3.05
N ASP B 12 -6.11 -20.41 -1.99
CA ASP B 12 -5.64 -20.57 -0.60
C ASP B 12 -6.59 -21.48 0.17
N LYS B 15 -8.03 -21.91 3.91
CA LYS B 15 -7.73 -20.49 4.12
C LYS B 15 -6.70 -20.29 5.22
N THR B 16 -5.65 -19.53 4.94
CA THR B 16 -4.64 -19.25 5.95
C THR B 16 -5.14 -18.23 6.96
N SER B 17 -4.94 -18.51 8.24
CA SER B 17 -5.46 -17.65 9.30
C SER B 17 -4.60 -16.43 9.54
N PHE B 18 -5.23 -15.26 9.47
CA PHE B 18 -4.60 -13.99 9.81
C PHE B 18 -5.56 -13.12 10.63
N PRO B 19 -5.02 -12.24 11.48
CA PRO B 19 -5.85 -11.42 12.38
C PRO B 19 -6.83 -10.51 11.68
N ASN B 20 -6.50 -10.10 10.45
CA ASN B 20 -7.37 -9.21 9.69
C ASN B 20 -7.04 -9.30 8.22
N ILE B 21 -7.91 -8.72 7.38
CA ILE B 21 -7.75 -8.83 5.93
C ILE B 21 -6.49 -8.15 5.41
N ALA B 22 -6.03 -7.10 6.10
CA ALA B 22 -4.85 -6.37 5.64
C ALA B 22 -3.61 -7.24 5.77
N ALA B 23 -3.46 -7.84 6.96
CA ALA B 23 -2.36 -8.74 7.24
C ALA B 23 -2.41 -9.92 6.30
N TYR B 24 -3.61 -10.45 6.08
CA TYR B 24 -3.80 -11.55 5.15
C TYR B 24 -3.19 -11.19 3.79
N CYS B 25 -3.62 -10.06 3.24
CA CYS B 25 -3.21 -9.67 1.89
C CYS B 25 -1.74 -9.33 1.84
N ASN B 26 -1.30 -8.44 2.74
CA ASN B 26 0.10 -8.06 2.80
C ASN B 26 1.06 -9.25 2.87
N VAL B 27 0.76 -10.23 3.72
CA VAL B 27 1.67 -11.37 3.90
C VAL B 27 1.59 -12.40 2.77
N MET B 28 0.38 -12.72 2.36
CA MET B 28 0.18 -13.78 1.37
C MET B 28 0.67 -13.41 -0.03
N MET B 29 0.62 -12.12 -0.37
CA MET B 29 1.13 -11.64 -1.65
C MET B 29 2.64 -11.89 -1.73
N VAL B 30 3.31 -11.82 -0.58
CA VAL B 30 4.74 -12.10 -0.50
C VAL B 30 5.00 -13.61 -0.45
N ARG B 31 4.28 -14.32 0.40
CA ARG B 31 4.44 -15.78 0.53
C ARG B 31 4.31 -16.48 -0.80
N ARG B 32 3.33 -16.04 -1.58
CA ARG B 32 3.01 -16.66 -2.86
C ARG B 32 3.84 -16.12 -4.02
N GLY B 33 4.93 -15.42 -3.70
CA GLY B 33 5.89 -15.02 -4.69
C GLY B 33 5.44 -13.96 -5.68
N ILE B 34 4.37 -13.26 -5.35
CA ILE B 34 3.86 -12.21 -6.21
C ILE B 34 4.55 -10.89 -5.92
N ASN B 35 4.48 -10.45 -4.67
CA ASN B 35 5.17 -9.21 -4.28
C ASN B 35 6.59 -9.52 -3.85
N VAL B 36 7.48 -9.48 -4.83
CA VAL B 36 8.91 -9.68 -4.62
C VAL B 36 9.62 -8.62 -5.44
N HIS B 37 10.89 -8.37 -5.10
CA HIS B 37 11.71 -7.44 -5.86
C HIS B 37 11.05 -6.07 -6.01
N GLY B 38 10.42 -5.62 -4.92
CA GLY B 38 9.88 -4.27 -4.86
C GLY B 38 8.52 -4.09 -5.50
N ARG B 39 7.98 -5.15 -6.08
CA ARG B 39 6.68 -5.03 -6.77
C ARG B 39 5.51 -5.16 -5.82
N CYS B 40 4.44 -4.41 -6.10
CA CYS B 40 3.17 -4.58 -5.41
C CYS B 40 2.05 -4.78 -6.42
N LYS B 41 1.50 -5.97 -6.52
CA LYS B 41 0.39 -6.20 -7.43
C LYS B 41 -0.83 -5.43 -6.93
N SER B 42 -1.45 -4.65 -7.80
CA SER B 42 -2.50 -3.74 -7.37
C SER B 42 -3.77 -4.47 -6.93
N LEU B 43 -4.12 -5.55 -7.63
CA LEU B 43 -5.35 -6.30 -7.36
C LEU B 43 -5.09 -7.80 -7.40
N ASN B 44 -5.58 -8.55 -6.42
CA ASN B 44 -5.45 -10.01 -6.47
C ASN B 44 -6.50 -10.73 -5.63
N THR B 45 -7.06 -11.79 -6.19
CA THR B 45 -8.09 -12.56 -5.49
C THR B 45 -7.62 -13.98 -5.17
N PHE B 46 -7.81 -14.37 -3.92
CA PHE B 46 -7.54 -15.72 -3.46
C PHE B 46 -8.84 -16.49 -3.24
N VAL B 47 -8.93 -17.68 -3.84
CA VAL B 47 -10.11 -18.54 -3.68
C VAL B 47 -9.86 -19.64 -2.65
N HIS B 48 -10.78 -19.79 -1.71
CA HIS B 48 -10.64 -20.72 -0.60
C HIS B 48 -11.48 -21.98 -0.79
N THR B 49 -10.96 -22.91 -1.57
CA THR B 49 -11.66 -24.16 -1.83
C THR B 49 -10.71 -25.24 -2.30
N ASP B 50 -11.20 -26.49 -2.25
CA ASP B 50 -10.65 -27.62 -3.00
C ASP B 50 -10.34 -27.19 -4.42
N PRO B 51 -9.10 -27.38 -4.87
CA PRO B 51 -8.85 -27.08 -6.27
C PRO B 51 -9.68 -27.97 -7.19
N ARG B 52 -10.21 -29.09 -6.69
CA ARG B 52 -11.00 -30.00 -7.51
C ARG B 52 -12.21 -29.31 -8.12
N ASN B 53 -12.81 -28.43 -7.35
CA ASN B 53 -14.01 -27.72 -7.78
C ASN B 53 -13.72 -26.89 -9.00
N LEU B 54 -12.53 -26.32 -9.02
CA LEU B 54 -12.08 -25.65 -10.21
C LEU B 54 -11.57 -26.63 -11.29
N ASN B 55 -10.96 -27.78 -10.96
CA ASN B 55 -10.56 -28.63 -12.07
C ASN B 55 -11.82 -29.31 -12.61
N THR B 56 -12.71 -29.74 -11.72
CA THR B 56 -13.92 -30.40 -12.18
C THR B 56 -14.99 -29.39 -12.59
N ILE B 59 -14.27 -32.80 -16.82
CA ILE B 59 -12.94 -32.35 -16.43
C ILE B 59 -12.06 -32.04 -17.64
N ASN B 60 -12.65 -31.98 -18.83
CA ASN B 60 -11.86 -31.58 -20.00
C ASN B 60 -12.64 -30.86 -21.08
N GLN B 61 -12.37 -29.56 -21.17
CA GLN B 61 -13.07 -28.62 -22.04
C GLN B 61 -12.10 -28.12 -23.15
N PRO B 62 -12.63 -27.46 -24.21
CA PRO B 62 -11.85 -27.21 -25.44
C PRO B 62 -10.53 -26.44 -25.34
N ASN B 63 -10.14 -25.99 -24.15
CA ASN B 63 -8.97 -25.12 -23.91
C ASN B 63 -9.30 -23.72 -24.43
N ARG B 64 -8.82 -22.71 -23.71
CA ARG B 64 -9.33 -21.33 -23.78
C ARG B 64 -10.78 -21.24 -23.31
N ALA B 65 -11.32 -22.36 -22.84
CA ALA B 65 -12.69 -22.38 -22.35
C ALA B 65 -12.76 -21.62 -21.04
N LEU B 66 -13.88 -20.93 -20.83
CA LEU B 66 -14.13 -20.20 -19.60
C LEU B 66 -15.28 -20.87 -18.84
N ARG B 67 -15.01 -21.31 -17.62
CA ARG B 67 -15.99 -22.07 -16.84
C ARG B 67 -16.20 -21.55 -15.43
N THR B 68 -17.44 -21.63 -14.97
CA THR B 68 -17.82 -21.00 -13.72
C THR B 68 -18.45 -21.97 -12.71
N THR B 69 -17.96 -21.93 -11.47
CA THR B 69 -18.44 -22.83 -10.43
C THR B 69 -19.94 -22.73 -10.23
N GLN B 70 -20.51 -23.77 -9.64
CA GLN B 70 -21.92 -23.77 -9.34
C GLN B 70 -22.13 -23.06 -8.01
N GLN B 71 -21.58 -23.66 -6.94
CA GLN B 71 -21.56 -23.05 -5.63
C GLN B 71 -20.62 -21.86 -5.63
N GLN B 72 -21.10 -20.68 -5.23
CA GLN B 72 -20.18 -19.57 -5.10
C GLN B 72 -19.37 -19.78 -3.83
N LEU B 73 -18.05 -19.56 -3.93
CA LEU B 73 -17.11 -19.97 -2.89
C LEU B 73 -16.60 -18.79 -2.06
N PRO B 74 -16.01 -19.07 -0.88
CA PRO B 74 -15.38 -17.98 -0.13
C PRO B 74 -14.11 -17.51 -0.84
N VAL B 75 -13.99 -16.21 -1.08
CA VAL B 75 -12.77 -15.66 -1.67
C VAL B 75 -12.39 -14.36 -0.99
N THR B 76 -11.12 -14.03 -1.07
CA THR B 76 -10.62 -12.78 -0.53
C THR B 76 -10.11 -11.92 -1.69
N ASP B 77 -10.52 -10.66 -1.73
CA ASP B 77 -10.09 -9.75 -2.78
C ASP B 77 -9.09 -8.74 -2.22
N CYS B 78 -7.84 -8.81 -2.66
CA CYS B 78 -6.81 -7.92 -2.13
C CYS B 78 -6.66 -6.69 -3.04
N LYS B 79 -6.65 -5.50 -2.43
CA LYS B 79 -6.59 -4.26 -3.19
C LYS B 79 -5.51 -3.34 -2.65
N LEU B 80 -4.60 -2.90 -3.53
CA LEU B 80 -3.45 -2.16 -3.07
C LEU B 80 -3.87 -0.74 -2.70
N ILE B 81 -3.48 -0.31 -1.52
CA ILE B 81 -3.81 1.08 -1.22
C ILE B 81 -2.59 1.96 -1.29
N ARG B 82 -1.41 1.45 -0.98
CA ARG B 82 -0.19 2.26 -0.89
C ARG B 82 0.95 1.35 -1.35
N SER B 83 1.90 1.87 -2.12
CA SER B 83 3.02 1.04 -2.56
C SER B 83 4.33 1.42 -1.84
N HIS B 84 4.39 2.61 -1.27
CA HIS B 84 5.60 3.09 -0.60
C HIS B 84 5.25 3.66 0.76
N PRO B 85 6.08 3.37 1.78
CA PRO B 85 7.39 2.71 1.73
C PRO B 85 7.31 1.21 1.46
N THR B 86 6.14 0.62 1.70
CA THR B 86 5.95 -0.79 1.41
C THR B 86 4.51 -1.05 0.96
N CYS B 87 4.28 -2.22 0.37
CA CYS B 87 2.96 -2.59 -0.09
C CYS B 87 1.99 -2.54 1.10
N SER B 88 0.85 -1.91 0.93
CA SER B 88 -0.20 -1.92 1.94
C SER B 88 -1.53 -2.18 1.26
N TYR B 89 -2.24 -3.21 1.74
CA TYR B 89 -3.49 -3.63 1.14
C TYR B 89 -4.68 -3.43 2.05
N THR B 90 -5.83 -3.20 1.43
CA THR B 90 -7.09 -3.49 2.07
C THR B 90 -7.69 -4.66 1.31
N GLY B 91 -8.93 -4.99 1.64
CA GLY B 91 -9.58 -6.06 0.93
C GLY B 91 -11.02 -6.27 1.34
N ASN B 92 -11.67 -7.15 0.61
CA ASN B 92 -13.04 -7.53 0.89
C ASN B 92 -13.17 -9.04 0.79
N GLN B 93 -13.84 -9.64 1.76
CA GLN B 93 -14.18 -11.05 1.67
C GLN B 93 -15.57 -11.19 1.08
N PHE B 94 -15.69 -12.10 0.13
CA PHE B 94 -16.82 -12.19 -0.77
C PHE B 94 -17.22 -13.66 -0.97
N ASN B 95 -18.50 -13.97 -0.85
CA ASN B 95 -19.01 -15.21 -1.40
C ASN B 95 -19.28 -14.98 -2.87
N HIS B 96 -18.45 -15.55 -3.74
CA HIS B 96 -18.46 -15.09 -5.12
C HIS B 96 -18.40 -16.15 -6.20
N ARG B 97 -18.86 -15.73 -7.38
CA ARG B 97 -18.75 -16.46 -8.62
C ARG B 97 -17.28 -16.63 -9.05
N VAL B 98 -16.80 -17.85 -9.23
CA VAL B 98 -15.41 -18.01 -9.65
C VAL B 98 -15.31 -18.47 -11.11
N ARG B 99 -14.84 -17.55 -11.94
CA ARG B 99 -14.68 -17.79 -13.38
C ARG B 99 -13.22 -18.06 -13.75
N VAL B 100 -12.98 -19.14 -14.48
CA VAL B 100 -11.62 -19.54 -14.81
C VAL B 100 -11.42 -19.81 -16.30
N GLY B 101 -10.17 -19.67 -16.75
CA GLY B 101 -9.80 -20.01 -18.12
C GLY B 101 -9.11 -21.36 -18.18
N CYS B 102 -9.46 -22.19 -19.15
CA CYS B 102 -8.96 -23.55 -19.20
C CYS B 102 -7.84 -23.77 -20.23
N TRP B 103 -6.85 -24.55 -19.85
CA TRP B 103 -5.87 -25.06 -20.80
C TRP B 103 -5.45 -26.46 -20.41
N GLY B 104 -5.38 -27.36 -21.39
CA GLY B 104 -5.02 -28.74 -21.15
C GLY B 104 -5.88 -29.40 -20.08
N GLY B 105 -7.17 -29.11 -20.11
CA GLY B 105 -8.10 -29.65 -19.12
C GLY B 105 -7.96 -29.04 -17.73
N LEU B 106 -7.14 -28.00 -17.62
CA LEU B 106 -6.84 -27.40 -16.32
C LEU B 106 -7.15 -25.91 -16.25
N PRO B 107 -7.56 -25.43 -15.05
CA PRO B 107 -7.70 -23.99 -14.85
C PRO B 107 -6.33 -23.33 -14.71
N VAL B 108 -5.98 -22.44 -15.63
CA VAL B 108 -4.68 -21.77 -15.58
C VAL B 108 -4.80 -20.25 -15.57
N HIS B 109 -6.03 -19.77 -15.46
CA HIS B 109 -6.28 -18.34 -15.51
C HIS B 109 -7.49 -17.98 -14.69
N LEU B 110 -7.35 -16.99 -13.81
CA LEU B 110 -8.52 -16.46 -13.12
C LEU B 110 -9.07 -15.31 -13.96
N ASP B 111 -10.29 -15.46 -14.47
CA ASP B 111 -10.84 -14.44 -15.34
C ASP B 111 -11.87 -13.58 -14.63
N GLY B 112 -12.57 -14.16 -13.67
CA GLY B 112 -13.75 -13.54 -13.12
C GLY B 112 -13.70 -13.30 -11.64
N THR B 113 -14.58 -12.41 -11.20
CA THR B 113 -14.70 -11.96 -9.83
C THR B 113 -14.67 -13.06 -8.76
#